data_2KYD
#
_entry.id   2KYD
#
_entity_poly.entity_id   1
_entity_poly.type   'polyribonucleotide'
_entity_poly.pdbx_seq_one_letter_code
;CUAGUUAGCUAACUAG
;
_entity_poly.pdbx_strand_id   A,B
#